data_6YT1
#
_entry.id   6YT1
#
_cell.length_a   87.740
_cell.length_b   87.740
_cell.length_c   112.700
_cell.angle_alpha   90.000
_cell.angle_beta   90.000
_cell.angle_gamma   90.000
#
_symmetry.space_group_name_H-M   'P 43 21 2'
#
loop_
_entity.id
_entity.type
_entity.pdbx_description
1 polymer 'Thymidylate kinase'
2 non-polymer 2-ethyl-~{N}-[[4-[4-[5-methyl-2,4-bis(oxidanylidene)pyrimidin-1-yl]piperidin-1-yl]phenyl]methyl]-1,2,3,5,6,7,8,8~{a}-octahydroimidazo[1,2-a]pyridine-3-carboxamide
3 non-polymer 'CITRIC ACID'
4 water water
#
_entity_poly.entity_id   1
_entity_poly.type   'polypeptide(L)'
_entity_poly.pdbx_seq_one_letter_code
;MLIAIEGVDGAGKRTLVEKLSGAFRAAGRSVATLAFPRYGQSVAADIAAEALHGEHGDLASSVYAMATLFALDRAGAVHT
IQGLCRGYDVVILDRYVASNAAYSAARLHENAAGKAAAWVQRIEFARLGLPKPDWQVLLAVSAELAGERSRGRAQRDPGR
ARDNYERDAELQQRTGAVYAELAAQGWGGRWLVVGADVDPGRLAATLAPPDVPS
;
_entity_poly.pdbx_strand_id   A,B
#
# COMPACT_ATOMS: atom_id res chain seq x y z
N MET A 1 -28.41 5.62 5.47
CA MET A 1 -28.37 4.67 4.34
C MET A 1 -27.12 4.89 3.48
N LEU A 2 -26.44 3.79 3.16
CA LEU A 2 -25.19 3.82 2.40
C LEU A 2 -25.43 3.18 1.05
N ILE A 3 -25.19 3.95 0.00
CA ILE A 3 -25.49 3.57 -1.37
C ILE A 3 -24.21 3.70 -2.19
N ALA A 4 -23.85 2.64 -2.90
CA ALA A 4 -22.67 2.67 -3.75
C ALA A 4 -23.11 2.65 -5.20
N ILE A 5 -22.58 3.57 -6.00
CA ILE A 5 -22.85 3.59 -7.44
C ILE A 5 -21.67 2.90 -8.13
N GLU A 6 -21.96 1.88 -8.93
CA GLU A 6 -20.96 1.06 -9.55
C GLU A 6 -21.17 1.01 -11.06
N GLY A 7 -20.11 0.67 -11.76
CA GLY A 7 -20.16 0.53 -13.20
C GLY A 7 -18.79 0.78 -13.80
N VAL A 8 -18.67 0.47 -15.08
CA VAL A 8 -17.38 0.52 -15.75
C VAL A 8 -16.99 1.98 -15.98
N ASP A 9 -15.72 2.22 -16.27
CA ASP A 9 -15.28 3.58 -16.55
C ASP A 9 -16.04 4.12 -17.75
N GLY A 10 -16.48 5.37 -17.65
CA GLY A 10 -17.24 5.97 -18.72
C GLY A 10 -18.72 5.68 -18.68
N ALA A 11 -19.20 4.99 -17.65
CA ALA A 11 -20.62 4.68 -17.55
C ALA A 11 -21.46 5.91 -17.25
N GLY A 12 -20.87 6.93 -16.62
CA GLY A 12 -21.61 8.11 -16.22
C GLY A 12 -21.98 8.14 -14.75
N LYS A 13 -21.17 7.54 -13.88
CA LYS A 13 -21.53 7.42 -12.48
C LYS A 13 -21.57 8.79 -11.79
N ARG A 14 -20.61 9.66 -12.10
CA ARG A 14 -20.59 10.96 -11.42
C ARG A 14 -21.87 11.73 -11.72
N THR A 15 -22.35 11.68 -12.97
CA THR A 15 -23.60 12.32 -13.31
C THR A 15 -24.76 11.70 -12.53
N LEU A 16 -24.79 10.37 -12.42
CA LEU A 16 -25.86 9.72 -11.68
C LEU A 16 -25.80 10.09 -10.19
N VAL A 17 -24.59 10.14 -9.62
CA VAL A 17 -24.44 10.58 -8.24
C VAL A 17 -25.02 11.99 -8.07
N GLU A 18 -24.70 12.89 -8.99
CA GLU A 18 -25.18 14.26 -8.88
C GLU A 18 -26.70 14.30 -8.99
N LYS A 19 -27.26 13.58 -9.96
CA LYS A 19 -28.71 13.62 -10.15
C LYS A 19 -29.42 12.92 -9.01
N LEU A 20 -28.87 11.82 -8.51
CA LEU A 20 -29.52 11.13 -7.39
C LEU A 20 -29.45 11.95 -6.10
N SER A 21 -28.32 12.61 -5.86
CA SER A 21 -28.23 13.48 -4.69
C SER A 21 -29.27 14.59 -4.74
N GLY A 22 -29.47 15.18 -5.92
CA GLY A 22 -30.49 16.23 -6.06
C GLY A 22 -31.89 15.71 -5.81
N ALA A 23 -32.17 14.48 -6.24
CA ALA A 23 -33.50 13.90 -6.02
C ALA A 23 -33.74 13.63 -4.53
N PHE A 24 -32.72 13.14 -3.82
CA PHE A 24 -32.85 12.94 -2.37
C PHE A 24 -33.08 14.26 -1.65
N ARG A 25 -32.37 15.31 -2.05
CA ARG A 25 -32.56 16.61 -1.42
C ARG A 25 -33.95 17.15 -1.71
N ALA A 26 -34.46 16.91 -2.92
CA ALA A 26 -35.81 17.34 -3.23
C ALA A 26 -36.83 16.61 -2.38
N ALA A 27 -36.49 15.43 -1.89
CA ALA A 27 -37.36 14.65 -1.01
C ALA A 27 -37.11 14.95 0.46
N GLY A 28 -36.30 15.96 0.78
CA GLY A 28 -36.10 16.38 2.14
C GLY A 28 -34.98 15.70 2.89
N ARG A 29 -34.20 14.84 2.24
CA ARG A 29 -33.10 14.14 2.87
C ARG A 29 -31.81 14.94 2.76
N SER A 30 -30.98 14.85 3.79
CA SER A 30 -29.60 15.34 3.72
C SER A 30 -28.72 14.29 3.05
N VAL A 31 -27.74 14.76 2.28
CA VAL A 31 -26.92 13.87 1.47
C VAL A 31 -25.45 14.23 1.61
N ALA A 32 -24.59 13.20 1.63
CA ALA A 32 -23.15 13.36 1.50
C ALA A 32 -22.66 12.38 0.44
N THR A 33 -21.61 12.77 -0.27
CA THR A 33 -21.02 11.93 -1.30
C THR A 33 -19.52 11.79 -1.04
N LEU A 34 -18.97 10.67 -1.50
CA LEU A 34 -17.55 10.39 -1.36
C LEU A 34 -17.16 9.52 -2.55
N ALA A 35 -16.03 9.82 -3.17
CA ALA A 35 -15.57 9.13 -4.37
C ALA A 35 -14.31 8.31 -4.09
N PHE A 36 -14.28 7.09 -4.62
CA PHE A 36 -13.10 6.25 -4.57
C PHE A 36 -12.60 5.96 -5.99
N PRO A 37 -11.29 5.85 -6.19
CA PRO A 37 -10.22 6.06 -5.19
C PRO A 37 -10.15 7.52 -4.77
N ARG A 38 -9.64 7.78 -3.56
CA ARG A 38 -9.55 9.14 -3.03
C ARG A 38 -8.29 9.84 -3.54
N TYR A 39 -8.23 10.00 -4.86
CA TYR A 39 -7.09 10.66 -5.47
C TYR A 39 -6.89 12.03 -4.84
N GLY A 40 -5.63 12.35 -4.53
CA GLY A 40 -5.31 13.58 -3.85
C GLY A 40 -5.50 13.56 -2.36
N GLN A 41 -6.06 12.49 -1.81
CA GLN A 41 -6.35 12.42 -0.39
C GLN A 41 -5.64 11.29 0.34
N SER A 42 -5.09 10.31 -0.38
CA SER A 42 -4.38 9.22 0.27
C SER A 42 -3.23 8.78 -0.63
N VAL A 43 -2.11 8.43 0.01
CA VAL A 43 -0.95 7.95 -0.74
C VAL A 43 -1.30 6.71 -1.55
N ALA A 44 -1.99 5.76 -0.92
CA ALA A 44 -2.31 4.52 -1.64
C ALA A 44 -3.11 4.81 -2.90
N ALA A 45 -4.09 5.71 -2.81
CA ALA A 45 -4.89 6.03 -3.98
C ALA A 45 -4.05 6.71 -5.05
N ASP A 46 -3.15 7.62 -4.66
CA ASP A 46 -2.33 8.33 -5.63
C ASP A 46 -1.37 7.39 -6.34
N ILE A 47 -0.72 6.49 -5.62
CA ILE A 47 0.21 5.55 -6.24
C ILE A 47 -0.52 4.63 -7.21
N ALA A 48 -1.69 4.12 -6.80
CA ALA A 48 -2.47 3.25 -7.67
C ALA A 48 -2.85 3.94 -8.96
N ALA A 49 -3.36 5.16 -8.87
CA ALA A 49 -3.75 5.89 -10.08
C ALA A 49 -2.54 6.14 -10.97
N GLU A 50 -1.43 6.55 -10.37
CA GLU A 50 -0.22 6.77 -11.15
C GLU A 50 0.28 5.50 -11.83
N ALA A 51 0.15 4.37 -11.15
CA ALA A 51 0.59 3.10 -11.73
C ALA A 51 -0.22 2.76 -12.97
N LEU A 52 -1.49 3.14 -13.01
CA LEU A 52 -2.31 2.90 -14.19
C LEU A 52 -1.98 3.83 -15.34
N HIS A 53 -1.19 4.86 -15.09
CA HIS A 53 -0.63 5.69 -16.16
C HIS A 53 0.80 5.30 -16.51
N GLY A 54 1.30 4.20 -15.97
CA GLY A 54 2.61 3.70 -16.33
C GLY A 54 3.74 4.02 -15.39
N GLU A 55 3.47 4.67 -14.26
CA GLU A 55 4.51 4.96 -13.29
C GLU A 55 4.70 3.76 -12.35
N HIS A 56 5.79 3.79 -11.59
CA HIS A 56 6.04 2.82 -10.50
C HIS A 56 6.31 1.41 -11.02
N GLY A 57 7.13 1.32 -12.07
CA GLY A 57 7.69 0.05 -12.47
C GLY A 57 6.65 -1.00 -12.79
N ASP A 58 6.81 -2.19 -12.17
CA ASP A 58 5.96 -3.34 -12.45
C ASP A 58 4.72 -3.40 -11.55
N LEU A 59 4.37 -2.31 -10.88
CA LEU A 59 3.28 -2.38 -9.90
C LEU A 59 1.98 -2.75 -10.60
N ALA A 60 1.64 -2.06 -11.69
CA ALA A 60 0.34 -2.27 -12.33
C ALA A 60 0.18 -3.67 -12.89
N SER A 61 1.29 -4.38 -13.12
CA SER A 61 1.19 -5.71 -13.72
C SER A 61 0.68 -6.75 -12.73
N SER A 62 0.66 -6.46 -11.44
CA SER A 62 0.12 -7.35 -10.41
C SER A 62 -1.32 -6.96 -10.12
N VAL A 63 -2.24 -7.87 -10.42
CA VAL A 63 -3.66 -7.60 -10.16
C VAL A 63 -3.91 -7.42 -8.68
N TYR A 64 -3.32 -8.31 -7.85
CA TYR A 64 -3.58 -8.24 -6.42
C TYR A 64 -2.86 -7.07 -5.78
N ALA A 65 -1.75 -6.62 -6.36
CA ALA A 65 -1.11 -5.42 -5.84
C ALA A 65 -2.03 -4.21 -6.03
N MET A 66 -2.56 -4.05 -7.24
CA MET A 66 -3.47 -2.93 -7.49
C MET A 66 -4.70 -3.02 -6.59
N ALA A 67 -5.29 -4.22 -6.47
CA ALA A 67 -6.45 -4.37 -5.61
C ALA A 67 -6.11 -4.03 -4.16
N THR A 68 -4.90 -4.37 -3.73
CA THR A 68 -4.50 -4.11 -2.35
C THR A 68 -4.38 -2.61 -2.11
N LEU A 69 -3.81 -1.88 -3.06
CA LEU A 69 -3.70 -0.42 -2.91
C LEU A 69 -5.07 0.21 -2.82
N PHE A 70 -6.03 -0.22 -3.65
CA PHE A 70 -7.37 0.36 -3.58
C PHE A 70 -8.07 0.01 -2.27
N ALA A 71 -7.82 -1.19 -1.76
CA ALA A 71 -8.36 -1.57 -0.45
C ALA A 71 -7.73 -0.75 0.68
N LEU A 72 -6.43 -0.47 0.58
CA LEU A 72 -5.80 0.32 1.64
C LEU A 72 -6.29 1.77 1.61
N ASP A 73 -6.54 2.30 0.44
CA ASP A 73 -7.18 3.60 0.32
C ASP A 73 -8.52 3.60 1.05
N ARG A 74 -9.35 2.60 0.79
CA ARG A 74 -10.64 2.53 1.44
C ARG A 74 -10.51 2.30 2.94
N ALA A 75 -9.52 1.52 3.38
CA ALA A 75 -9.34 1.30 4.80
C ALA A 75 -9.09 2.61 5.55
N GLY A 76 -8.36 3.53 4.95
CA GLY A 76 -8.14 4.83 5.59
C GLY A 76 -9.36 5.74 5.61
N ALA A 77 -10.43 5.32 4.94
CA ALA A 77 -11.67 6.09 4.86
C ALA A 77 -12.78 5.51 5.74
N VAL A 78 -12.50 4.46 6.52
CA VAL A 78 -13.55 3.84 7.30
C VAL A 78 -14.19 4.87 8.25
N HIS A 79 -13.37 5.61 8.98
CA HIS A 79 -13.91 6.59 9.93
C HIS A 79 -14.70 7.69 9.22
N THR A 80 -14.24 8.09 8.03
CA THR A 80 -14.98 9.08 7.25
C THR A 80 -16.35 8.54 6.84
N ILE A 81 -16.40 7.32 6.31
CA ILE A 81 -17.67 6.75 5.90
C ILE A 81 -18.60 6.63 7.10
N GLN A 82 -18.08 6.13 8.23
CA GLN A 82 -18.92 5.99 9.41
C GLN A 82 -19.41 7.36 9.89
N GLY A 83 -18.55 8.37 9.80
CA GLY A 83 -18.97 9.71 10.21
C GLY A 83 -20.08 10.25 9.32
N LEU A 84 -19.95 10.07 8.00
CA LEU A 84 -20.99 10.51 7.08
C LEU A 84 -22.30 9.78 7.32
N CYS A 85 -22.22 8.48 7.62
CA CYS A 85 -23.46 7.73 7.85
C CYS A 85 -24.17 8.17 9.12
N ARG A 86 -23.43 8.62 10.13
CA ARG A 86 -24.07 9.11 11.35
C ARG A 86 -24.63 10.52 11.17
N GLY A 87 -24.07 11.29 10.26
CA GLY A 87 -24.41 12.71 10.20
C GLY A 87 -25.44 13.07 9.16
N TYR A 88 -25.63 12.23 8.15
CA TYR A 88 -26.46 12.57 7.00
C TYR A 88 -27.38 11.39 6.67
N ASP A 89 -28.54 11.73 6.11
CA ASP A 89 -29.56 10.71 5.87
C ASP A 89 -29.10 9.70 4.83
N VAL A 90 -28.47 10.17 3.75
CA VAL A 90 -28.04 9.31 2.67
C VAL A 90 -26.58 9.61 2.35
N VAL A 91 -25.78 8.55 2.19
CA VAL A 91 -24.38 8.64 1.79
C VAL A 91 -24.24 7.89 0.47
N ILE A 92 -23.77 8.58 -0.55
CA ILE A 92 -23.63 8.00 -1.89
C ILE A 92 -22.15 7.92 -2.21
N LEU A 93 -21.69 6.73 -2.54
CA LEU A 93 -20.30 6.50 -2.89
C LEU A 93 -20.19 6.35 -4.39
N ASP A 94 -19.31 7.12 -5.00
CA ASP A 94 -18.97 6.99 -6.41
C ASP A 94 -17.86 5.96 -6.47
N ARG A 95 -18.24 4.71 -6.82
CA ARG A 95 -17.34 3.56 -6.81
CA ARG A 95 -17.31 3.59 -6.82
C ARG A 95 -17.03 3.14 -5.38
N TYR A 96 -17.06 1.84 -5.12
CA TYR A 96 -16.79 1.27 -3.81
C TYR A 96 -16.16 -0.12 -4.01
N VAL A 97 -16.39 -1.03 -3.06
CA VAL A 97 -15.61 -2.27 -3.02
C VAL A 97 -15.87 -3.13 -4.25
N ALA A 98 -17.12 -3.13 -4.75
CA ALA A 98 -17.44 -3.98 -5.89
C ALA A 98 -16.60 -3.62 -7.12
N SER A 99 -16.17 -2.35 -7.24
N SER A 99 -16.16 -2.36 -7.24
CA SER A 99 -15.29 -1.99 -8.33
CA SER A 99 -15.29 -2.01 -8.35
C SER A 99 -14.02 -2.85 -8.31
C SER A 99 -14.00 -2.83 -8.32
N ASN A 100 -13.45 -3.05 -7.12
CA ASN A 100 -12.22 -3.84 -7.00
C ASN A 100 -12.47 -5.30 -7.38
N ALA A 101 -13.61 -5.85 -7.00
CA ALA A 101 -13.91 -7.24 -7.38
C ALA A 101 -14.11 -7.35 -8.89
N ALA A 102 -14.84 -6.41 -9.48
CA ALA A 102 -15.15 -6.49 -10.91
C ALA A 102 -13.88 -6.38 -11.74
N TYR A 103 -13.06 -5.35 -11.47
CA TYR A 103 -11.85 -5.16 -12.28
C TYR A 103 -10.81 -6.25 -12.00
N SER A 104 -10.68 -6.69 -10.76
CA SER A 104 -9.69 -7.72 -10.44
C SER A 104 -10.07 -9.03 -11.13
N ALA A 105 -11.34 -9.42 -11.03
CA ALA A 105 -11.79 -10.64 -11.70
C ALA A 105 -11.59 -10.52 -13.21
N ALA A 106 -11.97 -9.37 -13.79
CA ALA A 106 -11.89 -9.21 -15.23
C ALA A 106 -10.44 -9.26 -15.71
N ARG A 107 -9.52 -8.67 -14.94
CA ARG A 107 -8.11 -8.72 -15.34
C ARG A 107 -7.58 -10.14 -15.34
N LEU A 108 -8.08 -10.98 -14.45
CA LEU A 108 -7.64 -12.38 -14.36
C LEU A 108 -8.51 -13.32 -15.19
N HIS A 109 -9.41 -12.78 -16.02
CA HIS A 109 -10.29 -13.61 -16.85
C HIS A 109 -11.09 -14.58 -15.97
N GLU A 110 -11.48 -14.12 -14.79
CA GLU A 110 -12.32 -14.87 -13.87
C GLU A 110 -13.75 -14.32 -13.92
N ASN A 111 -14.68 -15.11 -13.38
CA ASN A 111 -16.06 -14.64 -13.21
C ASN A 111 -16.26 -14.25 -11.75
N ALA A 112 -17.50 -13.87 -11.42
CA ALA A 112 -17.79 -13.41 -10.05
C ALA A 112 -17.66 -14.53 -9.03
N ALA A 113 -17.61 -15.79 -9.46
CA ALA A 113 -17.44 -16.91 -8.55
C ALA A 113 -15.98 -17.28 -8.32
N GLY A 114 -15.05 -16.53 -8.89
CA GLY A 114 -13.65 -16.87 -8.82
C GLY A 114 -12.97 -16.38 -7.57
N LYS A 115 -11.66 -16.59 -7.53
CA LYS A 115 -10.91 -16.34 -6.30
C LYS A 115 -10.76 -14.86 -5.99
N ALA A 116 -10.67 -14.02 -7.03
CA ALA A 116 -10.38 -12.60 -6.80
C ALA A 116 -11.55 -11.91 -6.12
N ALA A 117 -12.78 -12.15 -6.60
CA ALA A 117 -13.94 -11.51 -5.97
C ALA A 117 -14.10 -11.97 -4.53
N ALA A 118 -13.83 -13.25 -4.26
CA ALA A 118 -13.91 -13.74 -2.88
C ALA A 118 -12.81 -13.13 -2.02
N TRP A 119 -11.61 -12.97 -2.59
CA TRP A 119 -10.52 -12.33 -1.85
C TRP A 119 -10.86 -10.87 -1.50
N VAL A 120 -11.46 -10.14 -2.44
CA VAL A 120 -11.86 -8.76 -2.14
C VAL A 120 -12.87 -8.72 -1.00
N GLN A 121 -13.87 -9.62 -1.03
CA GLN A 121 -14.84 -9.68 0.05
C GLN A 121 -14.15 -9.93 1.39
N ARG A 122 -13.22 -10.88 1.43
CA ARG A 122 -12.54 -11.24 2.67
C ARG A 122 -11.69 -10.09 3.19
N ILE A 123 -10.93 -9.44 2.33
CA ILE A 123 -9.99 -8.45 2.82
C ILE A 123 -10.70 -7.13 3.14
N GLU A 124 -11.62 -6.68 2.29
CA GLU A 124 -12.20 -5.37 2.49
C GLU A 124 -13.32 -5.38 3.53
N PHE A 125 -14.23 -6.33 3.44
CA PHE A 125 -15.36 -6.34 4.38
C PHE A 125 -15.01 -7.04 5.70
N ALA A 126 -14.40 -8.22 5.64
CA ALA A 126 -14.15 -8.94 6.88
C ALA A 126 -12.92 -8.43 7.63
N ARG A 127 -11.81 -8.24 6.93
CA ARG A 127 -10.56 -7.90 7.61
C ARG A 127 -10.46 -6.40 7.90
N LEU A 128 -10.67 -5.56 6.87
CA LEU A 128 -10.51 -4.12 7.01
C LEU A 128 -11.76 -3.46 7.56
N GLY A 129 -12.88 -4.17 7.63
CA GLY A 129 -14.05 -3.65 8.29
C GLY A 129 -14.74 -2.51 7.56
N LEU A 130 -14.67 -2.51 6.24
CA LEU A 130 -15.34 -1.47 5.49
CA LEU A 130 -15.34 -1.47 5.49
C LEU A 130 -16.85 -1.60 5.64
N PRO A 131 -17.56 -0.49 5.88
CA PRO A 131 -19.00 -0.57 6.05
C PRO A 131 -19.68 -1.24 4.86
N LYS A 132 -20.59 -2.13 5.18
CA LYS A 132 -21.30 -2.82 4.12
C LYS A 132 -22.39 -1.91 3.56
N PRO A 133 -22.52 -1.80 2.23
CA PRO A 133 -23.51 -0.90 1.66
C PRO A 133 -24.92 -1.47 1.75
N ASP A 134 -25.89 -0.58 1.99
CA ASP A 134 -27.29 -0.99 1.98
C ASP A 134 -27.76 -1.28 0.56
N TRP A 135 -27.25 -0.54 -0.41
CA TRP A 135 -27.56 -0.73 -1.81
C TRP A 135 -26.29 -0.60 -2.64
N GLN A 136 -26.15 -1.45 -3.64
CA GLN A 136 -25.13 -1.29 -4.68
C GLN A 136 -25.91 -1.15 -5.98
N VAL A 137 -25.74 -0.02 -6.65
CA VAL A 137 -26.47 0.31 -7.86
C VAL A 137 -25.52 0.16 -9.02
N LEU A 138 -25.81 -0.78 -9.92
CA LEU A 138 -25.01 -0.98 -11.11
C LEU A 138 -25.58 -0.12 -12.24
N LEU A 139 -24.79 0.83 -12.70
CA LEU A 139 -25.13 1.65 -13.87
C LEU A 139 -24.60 0.88 -15.08
N ALA A 140 -25.46 0.05 -15.65
CA ALA A 140 -25.06 -0.80 -16.77
C ALA A 140 -25.13 -0.02 -18.06
N VAL A 141 -24.14 -0.22 -18.93
CA VAL A 141 -24.07 0.49 -20.20
C VAL A 141 -23.58 -0.46 -21.27
N SER A 142 -23.82 -0.07 -22.52
CA SER A 142 -23.37 -0.83 -23.68
C SER A 142 -21.84 -0.91 -23.70
N ARG A 162 -6.62 9.45 -19.85
CA ARG A 162 -7.13 8.08 -19.91
C ARG A 162 -6.04 7.09 -19.46
N ASP A 163 -6.36 6.27 -18.46
CA ASP A 163 -5.39 5.34 -17.90
C ASP A 163 -5.45 4.01 -18.65
N ASN A 164 -4.67 3.03 -18.18
CA ASN A 164 -4.49 1.79 -18.92
C ASN A 164 -5.67 0.85 -18.83
N TYR A 165 -6.48 0.94 -17.76
CA TYR A 165 -7.74 0.21 -17.77
C TYR A 165 -8.69 0.81 -18.81
N GLU A 166 -8.83 2.13 -18.81
CA GLU A 166 -9.81 2.79 -19.67
C GLU A 166 -9.50 2.59 -21.14
N ARG A 167 -8.22 2.52 -21.51
CA ARG A 167 -7.83 2.27 -22.89
C ARG A 167 -8.06 0.82 -23.32
N ASP A 168 -8.24 -0.10 -22.38
CA ASP A 168 -8.36 -1.52 -22.68
C ASP A 168 -9.83 -1.86 -22.91
N ALA A 169 -10.24 -1.89 -24.17
CA ALA A 169 -11.64 -2.11 -24.49
C ALA A 169 -12.12 -3.49 -24.04
N GLU A 170 -11.30 -4.53 -24.27
CA GLU A 170 -11.70 -5.86 -23.85
C GLU A 170 -11.85 -5.94 -22.33
N LEU A 171 -10.93 -5.33 -21.59
CA LEU A 171 -11.03 -5.32 -20.14
C LEU A 171 -12.35 -4.70 -19.69
N GLN A 172 -12.69 -3.54 -20.23
CA GLN A 172 -13.93 -2.87 -19.81
C GLN A 172 -15.14 -3.75 -20.15
N GLN A 173 -15.08 -4.44 -21.28
CA GLN A 173 -16.17 -5.34 -21.65
CA GLN A 173 -16.17 -5.34 -21.65
C GLN A 173 -16.28 -6.50 -20.66
N ARG A 174 -15.15 -7.11 -20.31
CA ARG A 174 -15.18 -8.19 -19.31
C ARG A 174 -15.61 -7.68 -17.94
N THR A 175 -15.16 -6.48 -17.56
CA THR A 175 -15.54 -5.95 -16.26
C THR A 175 -17.05 -5.73 -16.19
N GLY A 176 -17.64 -5.23 -17.28
CA GLY A 176 -19.08 -5.08 -17.30
C GLY A 176 -19.82 -6.39 -17.09
N ALA A 177 -19.29 -7.47 -17.67
CA ALA A 177 -19.92 -8.78 -17.50
C ALA A 177 -19.78 -9.27 -16.07
N VAL A 178 -18.61 -9.07 -15.45
CA VAL A 178 -18.45 -9.48 -14.05
C VAL A 178 -19.40 -8.70 -13.17
N TYR A 179 -19.51 -7.40 -13.41
CA TYR A 179 -20.46 -6.59 -12.64
C TYR A 179 -21.87 -7.18 -12.67
N ALA A 180 -22.33 -7.55 -13.85
CA ALA A 180 -23.67 -8.12 -13.96
C ALA A 180 -23.78 -9.39 -13.14
N GLU A 181 -22.72 -10.20 -13.12
CA GLU A 181 -22.72 -11.43 -12.33
C GLU A 181 -22.71 -11.13 -10.84
N LEU A 182 -21.89 -10.16 -10.42
CA LEU A 182 -21.86 -9.77 -9.01
C LEU A 182 -23.24 -9.34 -8.54
N ALA A 183 -23.92 -8.53 -9.35
CA ALA A 183 -25.27 -8.09 -8.99
C ALA A 183 -26.23 -9.27 -8.90
N ALA A 184 -26.16 -10.19 -9.86
CA ALA A 184 -27.09 -11.32 -9.85
C ALA A 184 -26.85 -12.22 -8.65
N GLN A 185 -25.61 -12.31 -8.15
CA GLN A 185 -25.34 -13.21 -7.03
C GLN A 185 -25.44 -12.51 -5.69
N GLY A 186 -25.76 -11.22 -5.67
CA GLY A 186 -25.88 -10.49 -4.43
C GLY A 186 -24.57 -10.25 -3.73
N TRP A 187 -23.49 -10.10 -4.48
CA TRP A 187 -22.17 -9.96 -3.89
C TRP A 187 -22.12 -8.70 -3.04
N GLY A 188 -21.80 -8.86 -1.77
CA GLY A 188 -21.64 -7.76 -0.85
C GLY A 188 -22.92 -7.16 -0.32
N GLY A 189 -24.09 -7.59 -0.82
CA GLY A 189 -25.34 -7.04 -0.36
C GLY A 189 -26.32 -6.91 -1.50
N ARG A 190 -27.40 -6.17 -1.25
CA ARG A 190 -28.46 -6.08 -2.24
C ARG A 190 -28.03 -5.16 -3.37
N TRP A 191 -28.40 -5.55 -4.59
CA TRP A 191 -28.08 -4.76 -5.77
C TRP A 191 -29.34 -4.29 -6.48
N LEU A 192 -29.19 -3.20 -7.22
CA LEU A 192 -30.18 -2.73 -8.18
C LEU A 192 -29.43 -2.40 -9.46
N VAL A 193 -29.97 -2.82 -10.60
CA VAL A 193 -29.36 -2.57 -11.91
C VAL A 193 -30.20 -1.55 -12.65
N VAL A 194 -29.57 -0.48 -13.13
CA VAL A 194 -30.26 0.59 -13.82
C VAL A 194 -29.48 0.94 -15.09
N GLY A 195 -30.15 1.66 -15.99
CA GLY A 195 -29.53 2.16 -17.19
C GLY A 195 -29.31 3.67 -17.15
N ALA A 196 -28.68 4.16 -18.22
CA ALA A 196 -28.37 5.58 -18.28
C ALA A 196 -29.61 6.44 -18.25
N ASP A 197 -30.74 5.93 -18.77
CA ASP A 197 -31.98 6.69 -18.84
C ASP A 197 -32.78 6.64 -17.53
N VAL A 198 -32.22 6.05 -16.48
CA VAL A 198 -32.98 5.91 -15.24
C VAL A 198 -33.42 7.29 -14.74
N ASP A 199 -34.64 7.36 -14.26
CA ASP A 199 -35.16 8.60 -13.71
C ASP A 199 -34.67 8.77 -12.27
N PRO A 200 -33.99 9.87 -11.94
CA PRO A 200 -33.42 9.96 -10.57
C PRO A 200 -34.48 9.96 -9.49
N GLY A 201 -35.63 10.57 -9.74
CA GLY A 201 -36.66 10.65 -8.72
C GLY A 201 -37.20 9.28 -8.35
N ARG A 202 -37.51 8.47 -9.36
CA ARG A 202 -38.02 7.12 -9.10
C ARG A 202 -36.96 6.26 -8.41
N LEU A 203 -35.70 6.41 -8.82
CA LEU A 203 -34.63 5.64 -8.19
C LEU A 203 -34.51 5.99 -6.71
N ALA A 204 -34.54 7.28 -6.38
CA ALA A 204 -34.50 7.68 -4.98
C ALA A 204 -35.64 7.04 -4.20
N ALA A 205 -36.85 7.04 -4.78
CA ALA A 205 -38.00 6.45 -4.10
C ALA A 205 -37.83 4.94 -3.92
N THR A 206 -37.18 4.27 -4.87
CA THR A 206 -36.95 2.84 -4.73
C THR A 206 -35.92 2.54 -3.64
N LEU A 207 -34.84 3.31 -3.61
CA LEU A 207 -33.78 3.03 -2.64
C LEU A 207 -34.21 3.37 -1.22
N ALA A 208 -34.99 4.43 -1.05
CA ALA A 208 -35.45 4.89 0.26
C ALA A 208 -36.90 5.34 0.13
N PRO A 209 -37.85 4.41 0.19
CA PRO A 209 -39.26 4.77 0.03
C PRO A 209 -39.68 5.80 1.06
N PRO A 210 -40.50 6.80 0.68
CA PRO A 210 -40.96 7.79 1.66
C PRO A 210 -41.68 7.18 2.86
N MET B 1 19.56 11.97 17.39
CA MET B 1 20.28 11.24 16.31
C MET B 1 19.53 9.99 15.86
N LEU B 2 19.40 9.82 14.55
CA LEU B 2 18.67 8.70 13.94
C LEU B 2 19.65 7.82 13.18
N ILE B 3 19.71 6.54 13.54
CA ILE B 3 20.67 5.59 13.01
C ILE B 3 19.90 4.38 12.48
N ALA B 4 20.20 3.98 11.26
CA ALA B 4 19.59 2.80 10.65
C ALA B 4 20.65 1.72 10.47
N ILE B 5 20.34 0.50 10.93
CA ILE B 5 21.21 -0.66 10.77
C ILE B 5 20.71 -1.45 9.56
N GLU B 6 21.60 -1.72 8.61
CA GLU B 6 21.26 -2.33 7.35
C GLU B 6 22.13 -3.56 7.11
N GLY B 7 21.68 -4.41 6.20
CA GLY B 7 22.42 -5.62 5.88
C GLY B 7 21.49 -6.71 5.37
N VAL B 8 22.11 -7.77 4.83
CA VAL B 8 21.34 -8.83 4.20
C VAL B 8 20.69 -9.71 5.27
N ASP B 9 19.78 -10.58 4.85
CA ASP B 9 19.13 -11.48 5.79
C ASP B 9 20.14 -12.36 6.47
N GLY B 10 20.01 -12.49 7.79
CA GLY B 10 20.90 -13.34 8.55
C GLY B 10 22.21 -12.67 8.93
N ALA B 11 22.38 -11.39 8.60
CA ALA B 11 23.63 -10.72 8.91
C ALA B 11 23.83 -10.52 10.41
N GLY B 12 22.73 -10.46 11.16
CA GLY B 12 22.81 -10.22 12.60
C GLY B 12 22.47 -8.80 13.01
N LYS B 13 21.56 -8.13 12.30
CA LYS B 13 21.28 -6.73 12.58
C LYS B 13 20.64 -6.55 13.95
N ARG B 14 19.72 -7.44 14.32
CA ARG B 14 19.06 -7.30 15.61
C ARG B 14 20.07 -7.39 16.76
N THR B 15 21.02 -8.31 16.65
CA THR B 15 22.05 -8.41 17.68
C THR B 15 22.89 -7.14 17.74
N LEU B 16 23.24 -6.59 16.58
CA LEU B 16 24.01 -5.34 16.55
C LEU B 16 23.22 -4.18 17.15
N VAL B 17 21.93 -4.09 16.82
CA VAL B 17 21.08 -3.06 17.43
C VAL B 17 21.11 -3.15 18.95
N GLU B 18 21.01 -4.37 19.48
CA GLU B 18 21.03 -4.55 20.94
C GLU B 18 22.39 -4.16 21.52
N LYS B 19 23.48 -4.59 20.87
CA LYS B 19 24.80 -4.30 21.41
C LYS B 19 25.11 -2.80 21.31
N LEU B 20 24.69 -2.17 20.22
CA LEU B 20 24.94 -0.74 20.09
C LEU B 20 24.11 0.07 21.09
N SER B 21 22.87 -0.34 21.32
CA SER B 21 22.06 0.33 22.33
C SER B 21 22.72 0.28 23.70
N GLY B 22 23.27 -0.88 24.06
CA GLY B 22 23.97 -0.98 25.33
C GLY B 22 25.19 -0.08 25.41
N ALA B 23 25.92 0.05 24.32
CA ALA B 23 27.11 0.90 24.32
C ALA B 23 26.73 2.37 24.45
N PHE B 24 25.66 2.79 23.77
CA PHE B 24 25.20 4.16 23.93
C PHE B 24 24.72 4.41 25.36
N ARG B 25 24.00 3.45 25.94
CA ARG B 25 23.52 3.64 27.30
C ARG B 25 24.67 3.67 28.31
N ALA B 26 25.70 2.85 28.08
CA ALA B 26 26.88 2.91 28.94
C ALA B 26 27.59 4.25 28.81
N ALA B 27 27.44 4.91 27.67
CA ALA B 27 28.05 6.22 27.45
C ALA B 27 27.14 7.37 27.88
N GLY B 28 26.01 7.06 28.52
CA GLY B 28 25.16 8.10 29.07
C GLY B 28 24.08 8.61 28.15
N ARG B 29 23.91 8.02 26.96
CA ARG B 29 22.85 8.42 26.05
C ARG B 29 21.62 7.57 26.28
N SER B 30 20.45 8.18 26.19
CA SER B 30 19.21 7.42 26.15
C SER B 30 18.97 6.92 24.73
N VAL B 31 18.41 5.71 24.63
CA VAL B 31 18.26 5.04 23.34
C VAL B 31 16.88 4.45 23.24
N ALA B 32 16.29 4.54 22.06
CA ALA B 32 15.06 3.85 21.68
C ALA B 32 15.31 3.13 20.38
N THR B 33 14.61 2.03 20.16
CA THR B 33 14.75 1.27 18.93
C THR B 33 13.39 1.01 18.31
N LEU B 34 13.39 0.82 16.99
CA LEU B 34 12.19 0.54 16.21
C LEU B 34 12.61 -0.35 15.06
N ALA B 35 11.84 -1.40 14.80
CA ALA B 35 12.17 -2.37 13.77
C ALA B 35 11.22 -2.21 12.59
N PHE B 36 11.78 -2.26 11.37
CA PHE B 36 10.99 -2.31 10.15
C PHE B 36 11.26 -3.60 9.39
N PRO B 37 10.24 -4.15 8.72
CA PRO B 37 8.84 -3.68 8.72
C PRO B 37 8.21 -3.89 10.08
N ARG B 38 7.17 -3.11 10.39
CA ARG B 38 6.50 -3.18 11.69
C ARG B 38 5.50 -4.34 11.70
N TYR B 39 6.02 -5.54 11.50
CA TYR B 39 5.16 -6.72 11.45
C TYR B 39 4.30 -6.79 12.70
N GLY B 40 3.01 -7.07 12.51
CA GLY B 40 2.06 -7.14 13.59
C GLY B 40 1.52 -5.82 14.07
N GLN B 41 2.04 -4.70 13.59
CA GLN B 41 1.67 -3.39 14.09
C GLN B 41 1.02 -2.49 13.05
N SER B 42 1.01 -2.88 11.78
CA SER B 42 0.39 -2.07 10.74
C SER B 42 -0.20 -3.00 9.70
N VAL B 43 -1.34 -2.58 9.13
CA VAL B 43 -1.99 -3.38 8.11
C VAL B 43 -1.06 -3.61 6.93
N ALA B 44 -0.37 -2.56 6.49
CA ALA B 44 0.51 -2.69 5.33
C ALA B 44 1.61 -3.72 5.57
N ALA B 45 2.22 -3.69 6.77
CA ALA B 45 3.29 -4.64 7.08
C ALA B 45 2.74 -6.07 7.16
N ASP B 46 1.54 -6.24 7.74
CA ASP B 46 0.97 -7.58 7.89
C ASP B 46 0.59 -8.18 6.53
N ILE B 47 0.02 -7.38 5.63
CA ILE B 47 -0.26 -7.88 4.28
C ILE B 47 1.04 -8.25 3.59
N ALA B 48 2.07 -7.41 3.74
CA ALA B 48 3.37 -7.74 3.17
C ALA B 48 3.89 -9.06 3.73
N ALA B 49 3.80 -9.24 5.05
CA ALA B 49 4.29 -10.48 5.64
C ALA B 49 3.53 -11.67 5.07
N GLU B 50 2.21 -11.54 4.92
CA GLU B 50 1.40 -12.62 4.37
C GLU B 50 1.83 -12.93 2.95
N ALA B 51 2.12 -11.89 2.15
CA ALA B 51 2.59 -12.12 0.78
C ALA B 51 3.96 -12.81 0.78
N LEU B 52 4.79 -12.53 1.78
CA LEU B 52 6.05 -13.23 1.92
C LEU B 52 5.87 -14.68 2.37
N HIS B 53 4.69 -15.06 2.82
CA HIS B 53 4.37 -16.47 3.06
C HIS B 53 3.65 -17.10 1.89
N GLY B 54 3.46 -16.36 0.79
CA GLY B 54 2.85 -16.91 -0.40
C GLY B 54 1.38 -16.58 -0.58
N GLU B 55 0.79 -15.80 0.30
CA GLU B 55 -0.61 -15.42 0.21
C GLU B 55 -0.79 -14.21 -0.72
N HIS B 56 -2.06 -13.92 -1.04
CA HIS B 56 -2.46 -12.75 -1.82
C HIS B 56 -2.04 -12.85 -3.29
N GLY B 57 -2.23 -14.02 -3.87
CA GLY B 57 -2.10 -14.14 -5.31
C GLY B 57 -0.74 -13.69 -5.82
N ASP B 58 -0.76 -12.81 -6.83
CA ASP B 58 0.45 -12.35 -7.49
C ASP B 58 1.06 -11.09 -6.87
N LEU B 59 0.69 -10.76 -5.63
CA LEU B 59 1.18 -9.55 -4.98
C LEU B 59 2.70 -9.54 -4.87
N ALA B 60 3.28 -10.62 -4.34
CA ALA B 60 4.73 -10.65 -4.11
C ALA B 60 5.54 -10.65 -5.39
N SER B 61 4.95 -11.02 -6.53
CA SER B 61 5.70 -11.08 -7.76
C SER B 61 6.03 -9.68 -8.29
N SER B 62 5.36 -8.66 -7.79
CA SER B 62 5.67 -7.28 -8.19
C SER B 62 6.67 -6.69 -7.21
N VAL B 63 7.87 -6.35 -7.72
CA VAL B 63 8.91 -5.76 -6.86
C VAL B 63 8.46 -4.42 -6.34
N TYR B 64 7.87 -3.61 -7.21
CA TYR B 64 7.45 -2.26 -6.80
C TYR B 64 6.25 -2.30 -5.89
N ALA B 65 5.39 -3.32 -6.01
CA ALA B 65 4.25 -3.44 -5.10
C ALA B 65 4.73 -3.71 -3.68
N MET B 66 5.63 -4.69 -3.51
CA MET B 66 6.16 -4.97 -2.19
C MET B 66 6.90 -3.75 -1.64
N ALA B 67 7.70 -3.09 -2.47
CA ALA B 67 8.40 -1.90 -2.00
C ALA B 67 7.40 -0.85 -1.56
N THR B 68 6.27 -0.72 -2.26
CA THR B 68 5.27 0.26 -1.89
C THR B 68 4.66 -0.08 -0.53
N LEU B 69 4.38 -1.37 -0.29
CA LEU B 69 3.82 -1.76 1.01
C LEU B 69 4.79 -1.42 2.14
N PHE B 70 6.08 -1.70 1.94
CA PHE B 70 7.02 -1.37 3.01
C PHE B 70 7.12 0.15 3.19
N ALA B 71 6.99 0.91 2.09
CA ALA B 71 7.00 2.37 2.22
C ALA B 71 5.75 2.86 2.96
N LEU B 72 4.60 2.24 2.69
CA LEU B 72 3.38 2.67 3.36
C LEU B 72 3.42 2.33 4.84
N ASP B 73 4.03 1.19 5.20
CA ASP B 73 4.24 0.88 6.61
C ASP B 73 5.08 1.98 7.27
N ARG B 74 6.18 2.38 6.62
CA ARG B 74 7.04 3.42 7.18
C ARG B 74 6.34 4.77 7.23
N ALA B 75 5.54 5.09 6.21
CA ALA B 75 4.81 6.34 6.23
C ALA B 75 3.90 6.43 7.46
N GLY B 76 3.28 5.31 7.84
CA GLY B 76 2.45 5.26 9.02
C GLY B 76 3.23 5.31 10.31
N ALA B 77 4.54 5.23 10.26
CA ALA B 77 5.37 5.27 11.45
C ALA B 77 6.10 6.59 11.67
N VAL B 78 5.85 7.60 10.83
CA VAL B 78 6.58 8.86 10.95
C VAL B 78 6.33 9.49 12.32
N HIS B 79 5.07 9.50 12.75
N HIS B 79 5.07 9.50 12.76
CA HIS B 79 4.75 10.07 14.06
CA HIS B 79 4.78 10.10 14.06
C HIS B 79 5.54 9.39 15.16
C HIS B 79 5.54 9.39 15.17
N THR B 80 5.69 8.06 15.06
CA THR B 80 6.44 7.32 16.07
C THR B 80 7.91 7.72 16.06
N ILE B 81 8.53 7.76 14.86
CA ILE B 81 9.94 8.09 14.77
C ILE B 81 10.19 9.48 15.31
N GLN B 82 9.35 10.44 14.93
CA GLN B 82 9.53 11.81 15.39
C GLN B 82 9.37 11.87 16.89
N GLY B 83 8.41 11.12 17.44
CA GLY B 83 8.27 11.09 18.89
C GLY B 83 9.47 10.50 19.59
N LEU B 84 9.99 9.37 19.07
CA LEU B 84 11.18 8.80 19.67
C LEU B 84 12.37 9.76 19.58
N CYS B 85 12.51 10.45 18.45
CA CYS B 85 13.64 11.36 18.31
C CYS B 85 13.52 12.55 19.25
N ARG B 86 12.30 12.94 19.60
CA ARG B 86 12.13 14.01 20.59
C ARG B 86 12.38 13.51 22.00
N GLY B 87 12.20 12.22 22.25
CA GLY B 87 12.23 11.71 23.60
C GLY B 87 13.55 11.10 24.02
N TYR B 88 14.38 10.73 23.05
CA TYR B 88 15.60 10.00 23.31
C TYR B 88 16.76 10.58 22.53
N ASP B 89 17.96 10.41 23.07
CA ASP B 89 19.17 10.96 22.46
C ASP B 89 19.48 10.25 21.16
N VAL B 90 19.27 8.93 21.11
CA VAL B 90 19.60 8.11 19.94
C VAL B 90 18.41 7.22 19.63
N VAL B 91 18.03 7.15 18.36
CA VAL B 91 16.98 6.26 17.89
C VAL B 91 17.61 5.35 16.85
N ILE B 92 17.55 4.04 17.09
CA ILE B 92 18.18 3.06 16.22
C ILE B 92 17.10 2.25 15.53
N LEU B 93 17.17 2.20 14.19
CA LEU B 93 16.20 1.47 13.39
C LEU B 93 16.80 0.16 12.93
N ASP B 94 16.09 -0.94 13.18
CA ASP B 94 16.47 -2.28 12.69
C ASP B 94 15.86 -2.40 11.30
N ARG B 95 16.64 -2.02 10.28
CA ARG B 95 16.23 -1.87 8.89
C ARG B 95 15.45 -0.58 8.66
N TYR B 96 15.64 0.03 7.50
CA TYR B 96 14.96 1.26 7.12
C TYR B 96 14.87 1.33 5.59
N VAL B 97 14.89 2.53 5.04
CA VAL B 97 14.60 2.70 3.62
C VAL B 97 15.62 1.99 2.75
N ALA B 98 16.89 1.98 3.14
CA ALA B 98 17.91 1.36 2.31
C ALA B 98 17.64 -0.14 2.10
N SER B 99 16.97 -0.81 3.05
CA SER B 99 16.57 -2.19 2.82
C SER B 99 15.69 -2.30 1.57
N ASN B 100 14.77 -1.36 1.40
CA ASN B 100 13.88 -1.39 0.24
C ASN B 100 14.68 -1.19 -1.06
N ALA B 101 15.64 -0.27 -1.05
CA ALA B 101 16.43 -0.07 -2.26
C ALA B 101 17.27 -1.30 -2.59
N ALA B 102 17.91 -1.89 -1.57
CA ALA B 102 18.80 -3.03 -1.82
C ALA B 102 18.02 -4.24 -2.33
N TYR B 103 16.95 -4.62 -1.63
CA TYR B 103 16.22 -5.82 -2.05
C TYR B 103 15.46 -5.58 -3.35
N SER B 104 14.94 -4.37 -3.57
CA SER B 104 14.23 -4.11 -4.82
C SER B 104 15.20 -4.18 -5.99
N ALA B 105 16.36 -3.51 -5.88
CA ALA B 105 17.34 -3.56 -6.94
C ALA B 105 17.79 -4.98 -7.19
N ALA B 106 18.08 -5.73 -6.12
CA ALA B 106 18.61 -7.08 -6.28
C ALA B 106 17.58 -7.99 -6.96
N ARG B 107 16.30 -7.83 -6.59
CA ARG B 107 15.27 -8.66 -7.21
C ARG B 107 15.18 -8.39 -8.70
N LEU B 108 15.47 -7.16 -9.12
CA LEU B 108 15.40 -6.77 -10.52
C LEU B 108 16.74 -6.91 -11.21
N HIS B 109 17.74 -7.48 -10.55
CA HIS B 109 19.06 -7.66 -11.13
C HIS B 109 19.66 -6.32 -11.57
N GLU B 110 19.38 -5.29 -10.79
CA GLU B 110 19.93 -3.95 -11.00
C GLU B 110 21.04 -3.67 -10.00
N ASN B 111 21.79 -2.61 -10.26
CA ASN B 111 22.78 -2.11 -9.33
C ASN B 111 22.24 -0.88 -8.60
N ALA B 112 23.07 -0.28 -7.75
CA ALA B 112 22.61 0.85 -6.95
C ALA B 112 22.33 2.09 -7.80
N ALA B 113 22.84 2.12 -9.02
CA ALA B 113 22.61 3.24 -9.93
C ALA B 113 21.37 3.05 -10.79
N GLY B 114 20.63 1.96 -10.59
CA GLY B 114 19.49 1.65 -11.43
C GLY B 114 18.20 2.33 -11.00
N LYS B 115 17.12 1.96 -11.70
CA LYS B 115 15.87 2.68 -11.55
C LYS B 115 15.21 2.41 -10.21
N ALA B 116 15.31 1.18 -9.69
CA ALA B 116 14.60 0.85 -8.46
C ALA B 116 15.14 1.64 -7.29
N ALA B 117 16.46 1.68 -7.13
CA ALA B 117 17.03 2.42 -6.00
C ALA B 117 16.73 3.92 -6.08
N ALA B 118 16.74 4.48 -7.28
CA ALA B 118 16.40 5.90 -7.42
C ALA B 118 14.91 6.12 -7.11
N TRP B 119 14.06 5.19 -7.54
CA TRP B 119 12.64 5.28 -7.26
C TRP B 119 12.35 5.22 -5.77
N VAL B 120 13.03 4.32 -5.04
CA VAL B 120 12.84 4.26 -3.59
C VAL B 120 13.20 5.61 -2.95
N GLN B 121 14.33 6.17 -3.35
CA GLN B 121 14.75 7.45 -2.79
C GLN B 121 13.72 8.52 -3.12
N ARG B 122 13.24 8.53 -4.37
CA ARG B 122 12.28 9.53 -4.83
C ARG B 122 10.97 9.43 -4.06
N ILE B 123 10.44 8.23 -3.88
CA ILE B 123 9.13 8.09 -3.25
C ILE B 123 9.24 8.23 -1.73
N GLU B 124 10.20 7.55 -1.11
CA GLU B 124 10.19 7.50 0.35
C GLU B 124 10.71 8.80 0.96
N PHE B 125 11.82 9.32 0.44
CA PHE B 125 12.42 10.50 1.05
C PHE B 125 11.87 11.80 0.48
N ALA B 126 11.85 11.91 -0.85
CA ALA B 126 11.44 13.18 -1.47
C ALA B 126 9.92 13.36 -1.43
N ARG B 127 9.16 12.32 -1.74
CA ARG B 127 7.71 12.44 -1.81
C ARG B 127 7.04 12.24 -0.46
N LEU B 128 7.34 11.15 0.24
CA LEU B 128 6.69 10.90 1.52
C LEU B 128 7.36 11.62 2.67
N GLY B 129 8.55 12.17 2.46
CA GLY B 129 9.18 12.98 3.50
C GLY B 129 9.65 12.20 4.71
N LEU B 130 9.97 10.93 4.54
CA LEU B 130 10.42 10.14 5.68
C LEU B 130 11.68 10.74 6.28
N PRO B 131 11.85 10.69 7.60
CA PRO B 131 13.05 11.26 8.20
C PRO B 131 14.30 10.63 7.61
N LYS B 132 15.25 11.47 7.23
CA LYS B 132 16.50 10.96 6.71
C LYS B 132 17.44 10.61 7.86
N PRO B 133 18.09 9.45 7.83
CA PRO B 133 18.95 9.06 8.95
C PRO B 133 20.26 9.83 8.96
N ASP B 134 20.75 10.10 10.17
CA ASP B 134 22.08 10.69 10.31
C ASP B 134 23.17 9.70 9.97
N TRP B 135 22.95 8.41 10.25
CA TRP B 135 23.89 7.37 9.93
C TRP B 135 23.15 6.16 9.40
N GLN B 136 23.70 5.51 8.39
CA GLN B 136 23.25 4.18 7.96
C GLN B 136 24.43 3.24 8.11
N VAL B 137 24.27 2.22 8.95
CA VAL B 137 25.36 1.31 9.29
C VAL B 137 25.12 0.00 8.54
N LEU B 138 26.03 -0.33 7.63
CA LEU B 138 25.95 -1.58 6.88
C LEU B 138 26.71 -2.65 7.65
N LEU B 139 25.98 -3.67 8.11
CA LEU B 139 26.58 -4.85 8.73
C LEU B 139 26.91 -5.81 7.59
N ALA B 140 28.14 -5.70 7.08
CA ALA B 140 28.58 -6.48 5.95
C ALA B 140 29.04 -7.85 6.42
N VAL B 141 28.71 -8.87 5.64
CA VAL B 141 29.02 -10.26 5.97
C VAL B 141 29.50 -10.97 4.72
N SER B 142 30.13 -12.12 4.94
CA SER B 142 30.62 -12.92 3.83
C SER B 142 29.45 -13.32 2.94
N ALA B 143 29.66 -13.24 1.64
CA ALA B 143 28.66 -13.62 0.65
C ALA B 143 28.67 -15.11 0.35
N GLU B 144 29.58 -15.88 0.93
CA GLU B 144 29.68 -17.30 0.62
C GLU B 144 28.44 -18.03 1.13
N LEU B 145 27.84 -18.83 0.25
CA LEU B 145 26.69 -19.66 0.61
C LEU B 145 26.99 -21.09 0.19
N ALA B 146 27.09 -22.00 1.17
CA ALA B 146 27.41 -23.38 0.87
C ALA B 146 26.35 -24.01 -0.02
N GLY B 147 25.10 -23.57 0.10
CA GLY B 147 24.04 -24.11 -0.75
C GLY B 147 24.10 -23.66 -2.18
N GLU B 148 24.93 -22.66 -2.49
CA GLU B 148 25.02 -22.09 -3.83
C GLU B 148 26.32 -22.49 -4.53
N ARG B 149 26.98 -23.55 -4.08
CA ARG B 149 28.20 -23.99 -4.73
C ARG B 149 27.93 -24.57 -6.11
N SER B 150 26.67 -24.88 -6.43
CA SER B 150 26.34 -25.35 -7.77
C SER B 150 26.65 -24.32 -8.84
N ARG B 151 26.63 -23.03 -8.46
CA ARG B 151 26.90 -21.95 -9.40
C ARG B 151 28.36 -21.98 -9.84
N ALA B 169 24.66 -13.89 -9.51
CA ALA B 169 24.70 -14.39 -8.14
C ALA B 169 23.30 -14.54 -7.56
N GLU B 170 23.20 -15.25 -6.42
CA GLU B 170 21.93 -15.48 -5.73
C GLU B 170 21.38 -14.17 -5.18
N LEU B 171 20.09 -14.19 -4.83
CA LEU B 171 19.43 -12.95 -4.35
C LEU B 171 20.20 -12.29 -3.21
N GLN B 172 20.55 -13.07 -2.18
CA GLN B 172 21.25 -12.49 -1.04
C GLN B 172 22.60 -11.93 -1.45
N GLN B 173 23.30 -12.62 -2.34
CA GLN B 173 24.59 -12.14 -2.80
C GLN B 173 24.41 -10.85 -3.59
N ARG B 174 23.40 -10.77 -4.45
CA ARG B 174 23.15 -9.55 -5.20
C ARG B 174 22.78 -8.41 -4.26
N THR B 175 21.98 -8.69 -3.24
CA THR B 175 21.60 -7.67 -2.27
C THR B 175 22.81 -7.14 -1.52
N GLY B 176 23.70 -8.03 -1.11
CA GLY B 176 24.91 -7.59 -0.45
C GLY B 176 25.74 -6.66 -1.31
N ALA B 177 25.83 -6.96 -2.60
CA ALA B 177 26.61 -6.13 -3.51
C ALA B 177 25.98 -4.76 -3.69
N VAL B 178 24.65 -4.70 -3.82
CA VAL B 178 23.97 -3.43 -3.94
C VAL B 178 24.19 -2.60 -2.70
N TYR B 179 24.05 -3.23 -1.52
CA TYR B 179 24.33 -2.54 -0.26
C TYR B 179 25.72 -1.92 -0.27
N ALA B 180 26.74 -2.67 -0.71
CA ALA B 180 28.08 -2.14 -0.73
C ALA B 180 28.15 -0.90 -1.61
N GLU B 181 27.42 -0.91 -2.74
CA GLU B 181 27.40 0.26 -3.63
C GLU B 181 26.66 1.42 -2.98
N LEU B 182 25.52 1.15 -2.34
CA LEU B 182 24.78 2.21 -1.67
C LEU B 182 25.67 2.91 -0.62
N ALA B 183 26.39 2.12 0.18
CA ALA B 183 27.26 2.70 1.19
C ALA B 183 28.38 3.52 0.55
N ALA B 184 29.00 3.01 -0.52
CA ALA B 184 30.11 3.74 -1.12
C ALA B 184 29.65 5.04 -1.76
N GLN B 185 28.45 5.09 -2.31
N GLN B 185 28.44 5.07 -2.31
CA GLN B 185 27.98 6.31 -2.96
CA GLN B 185 27.91 6.26 -2.97
C GLN B 185 27.28 7.26 -1.99
C GLN B 185 27.17 7.19 -2.02
N GLY B 186 27.18 6.90 -0.71
CA GLY B 186 26.52 7.76 0.24
C GLY B 186 25.03 7.88 0.04
N TRP B 187 24.37 6.82 -0.39
CA TRP B 187 22.95 6.90 -0.72
C TRP B 187 22.13 7.28 0.50
N GLY B 188 21.41 8.38 0.39
CA GLY B 188 20.53 8.83 1.44
C GLY B 188 21.21 9.48 2.61
N GLY B 189 22.53 9.54 2.63
CA GLY B 189 23.28 10.15 3.70
C GLY B 189 24.55 9.36 3.97
N ARG B 190 25.18 9.66 5.10
CA ARG B 190 26.46 9.07 5.43
C ARG B 190 26.28 7.62 5.87
N TRP B 191 27.18 6.76 5.42
CA TRP B 191 27.22 5.35 5.79
C TRP B 191 28.51 5.04 6.53
N LEU B 192 28.46 3.99 7.31
CA LEU B 192 29.61 3.33 7.92
C LEU B 192 29.43 1.85 7.65
N VAL B 193 30.50 1.17 7.26
CA VAL B 193 30.47 -0.28 7.02
C VAL B 193 31.22 -0.98 8.14
N VAL B 194 30.57 -1.97 8.77
CA VAL B 194 31.17 -2.69 9.88
C VAL B 194 30.94 -4.18 9.68
N GLY B 195 31.70 -4.99 10.42
CA GLY B 195 31.55 -6.41 10.44
C GLY B 195 30.92 -6.91 11.72
N ALA B 196 30.71 -8.23 11.77
CA ALA B 196 30.07 -8.83 12.94
C ALA B 196 30.91 -8.66 14.19
N ASP B 197 32.24 -8.62 14.04
CA ASP B 197 33.13 -8.50 15.19
C ASP B 197 33.33 -7.06 15.66
N VAL B 198 32.58 -6.10 15.11
CA VAL B 198 32.80 -4.70 15.49
C VAL B 198 32.60 -4.52 16.99
N ASP B 199 33.44 -3.69 17.61
CA ASP B 199 33.31 -3.41 19.03
C ASP B 199 32.21 -2.38 19.26
N PRO B 200 31.20 -2.68 20.08
CA PRO B 200 30.08 -1.74 20.21
C PRO B 200 30.48 -0.39 20.78
N GLY B 201 31.41 -0.37 21.73
CA GLY B 201 31.83 0.89 22.33
C GLY B 201 32.51 1.81 21.33
N ARG B 202 33.45 1.26 20.56
CA ARG B 202 34.13 2.07 19.55
C ARG B 202 33.14 2.55 18.50
N LEU B 203 32.20 1.70 18.11
CA LEU B 203 31.20 2.10 17.13
C LEU B 203 30.33 3.24 17.67
N ALA B 204 29.86 3.10 18.90
CA ALA B 204 29.08 4.18 19.51
C ALA B 204 29.88 5.48 19.52
N ALA B 205 31.16 5.40 19.90
CA ALA B 205 31.99 6.61 19.95
C ALA B 205 32.17 7.23 18.57
N THR B 206 32.19 6.41 17.52
CA THR B 206 32.30 6.95 16.17
C THR B 206 31.01 7.61 15.74
N LEU B 207 29.86 6.98 16.02
CA LEU B 207 28.58 7.54 15.58
C LEU B 207 28.23 8.81 16.33
N ALA B 208 28.58 8.88 17.62
CA ALA B 208 28.28 10.04 18.46
C ALA B 208 29.49 10.32 19.35
N PRO B 209 30.48 11.03 18.83
CA PRO B 209 31.71 11.29 19.61
C PRO B 209 31.39 12.00 20.91
N PRO B 210 32.10 11.66 22.00
CA PRO B 210 31.86 12.30 23.29
C PRO B 210 31.95 13.82 23.23
#